data_8OR8
#
_entry.id   8OR8
#
_entity_poly.entity_id   1
_entity_poly.type   'polydeoxyribonucleotide'
_entity_poly.pdbx_seq_one_letter_code
;(DC)(DG)(DC)(DC)(DG)(DG)(DG)(DG)(DT)(DC)(DG)(DA)(DA)(DG)(DA)(DC)(DT)(DG)(DC)(DC)
(DA)(DG)(DC)(DG)(DG)(DC)(DT)(DC)(DG)(DA)(DC)(DG)(DG)(DC)(DG)
;
_entity_poly.pdbx_strand_id   A
#
loop_
_chem_comp.id
_chem_comp.type
_chem_comp.name
_chem_comp.formula
DA DNA linking 2'-DEOXYADENOSINE-5'-MONOPHOSPHATE 'C10 H14 N5 O6 P'
DC DNA linking 2'-DEOXYCYTIDINE-5'-MONOPHOSPHATE 'C9 H14 N3 O7 P'
DG DNA linking 2'-DEOXYGUANOSINE-5'-MONOPHOSPHATE 'C10 H14 N5 O7 P'
DT DNA linking THYMIDINE-5'-MONOPHOSPHATE 'C10 H15 N2 O8 P'
#